data_1TGY
#
_entry.id   1TGY
#
_cell.length_a   149.972
_cell.length_b   149.972
_cell.length_c   49.566
_cell.angle_alpha   90.00
_cell.angle_beta   90.00
_cell.angle_gamma   120.00
#
_symmetry.space_group_name_H-M   'H 3'
#
loop_
_entity.id
_entity.type
_entity.pdbx_description
1 polymer 'uridine phosphorylase'
2 non-polymer 1-O-phosphono-alpha-D-ribofuranose
3 non-polymer 'POTASSIUM ION'
4 non-polymer URACIL
5 water water
#
_entity_poly.entity_id   1
_entity_poly.type   'polypeptide(L)'
_entity_poly.pdbx_seq_one_letter_code
;GSHMSKSDVFHLGLTKNDLQGATLAIVPGDPDRVEKIAALMDKPVKLASHREFTTWRAELDGKPVIVCSTGIGGPSTSIA
VEELAQLGIRTFLRIGTTGAIQPHINVGDVLVTTASVRLDGASLHFAPLEFPAVADFECTTALVEAAKSIGATTHVGVTA
SSDTFYPGQERYDTYSGRVVRHFKGSMEEWQAMGVMNYEMESATLLTMCASQGLRAGMVAGVIVNRTQQEIPNAETMKQT
ESHAVKIVVEAARRLL
;
_entity_poly.pdbx_strand_id   A,B
#
# COMPACT_ATOMS: atom_id res chain seq x y z
N SER A 7 -19.67 -10.26 -5.14
CA SER A 7 -18.75 -9.17 -5.58
C SER A 7 -18.26 -9.38 -7.02
N ASP A 8 -18.25 -8.32 -7.81
CA ASP A 8 -17.79 -8.41 -9.20
C ASP A 8 -16.29 -8.18 -9.35
N VAL A 9 -15.63 -7.75 -8.28
CA VAL A 9 -14.19 -7.50 -8.33
C VAL A 9 -13.48 -8.31 -7.24
N PHE A 10 -12.18 -8.50 -7.40
CA PHE A 10 -11.42 -9.30 -6.44
C PHE A 10 -11.18 -8.75 -5.05
N HIS A 11 -10.97 -7.44 -4.91
CA HIS A 11 -10.69 -6.87 -3.59
C HIS A 11 -11.74 -5.94 -2.97
N LEU A 12 -12.32 -5.05 -3.76
CA LEU A 12 -13.27 -4.07 -3.25
C LEU A 12 -14.59 -4.57 -2.67
N GLY A 13 -14.97 -5.80 -3.00
CA GLY A 13 -16.23 -6.34 -2.50
C GLY A 13 -17.39 -5.48 -2.94
N LEU A 14 -17.42 -5.15 -4.23
CA LEU A 14 -18.47 -4.31 -4.80
C LEU A 14 -19.00 -4.93 -6.07
N THR A 15 -20.24 -4.59 -6.41
CA THR A 15 -20.86 -5.08 -7.64
C THR A 15 -21.16 -3.87 -8.50
N LYS A 16 -21.29 -4.08 -9.81
CA LYS A 16 -21.59 -3.01 -10.75
C LYS A 16 -22.83 -2.24 -10.28
N ASN A 17 -23.83 -2.99 -9.82
CA ASN A 17 -25.09 -2.43 -9.36
C ASN A 17 -24.95 -1.49 -8.17
N ASP A 18 -23.99 -1.74 -7.29
CA ASP A 18 -23.77 -0.89 -6.12
C ASP A 18 -23.52 0.57 -6.49
N LEU A 19 -22.82 0.79 -7.61
CA LEU A 19 -22.50 2.14 -8.06
C LEU A 19 -23.64 2.91 -8.70
N GLN A 20 -24.71 2.22 -9.04
CA GLN A 20 -25.87 2.85 -9.65
C GLN A 20 -25.48 3.77 -10.81
N GLY A 21 -24.54 3.32 -11.63
CA GLY A 21 -24.11 4.10 -12.78
C GLY A 21 -23.06 5.18 -12.55
N ALA A 22 -22.53 5.26 -11.34
CA ALA A 22 -21.51 6.26 -11.04
C ALA A 22 -20.31 6.12 -11.98
N THR A 23 -19.73 7.25 -12.39
CA THR A 23 -18.58 7.22 -13.28
C THR A 23 -17.42 8.06 -12.72
N LEU A 24 -17.64 8.67 -11.56
CA LEU A 24 -16.58 9.46 -10.92
C LEU A 24 -16.37 8.99 -9.48
N ALA A 25 -15.11 8.89 -9.08
CA ALA A 25 -14.79 8.46 -7.72
C ALA A 25 -13.76 9.36 -7.07
N ILE A 26 -13.97 9.63 -5.79
CA ILE A 26 -13.03 10.44 -5.02
C ILE A 26 -12.24 9.39 -4.26
N VAL A 27 -10.92 9.44 -4.39
CA VAL A 27 -10.08 8.43 -3.75
C VAL A 27 -9.05 8.92 -2.74
N PRO A 28 -9.44 8.98 -1.46
CA PRO A 28 -8.53 9.42 -0.40
C PRO A 28 -7.61 8.25 -0.04
N GLY A 29 -6.49 8.53 0.61
CA GLY A 29 -5.59 7.46 0.96
C GLY A 29 -6.01 6.73 2.22
N ASP A 30 -6.61 7.47 3.14
CA ASP A 30 -7.05 6.93 4.42
C ASP A 30 -8.52 6.48 4.45
N PRO A 31 -8.76 5.22 4.84
CA PRO A 31 -10.12 4.67 4.91
C PRO A 31 -11.04 5.53 5.79
N ASP A 32 -10.45 6.08 6.84
CA ASP A 32 -11.16 6.91 7.80
C ASP A 32 -11.72 8.19 7.20
N ARG A 33 -11.10 8.68 6.14
CA ARG A 33 -11.54 9.92 5.51
C ARG A 33 -12.72 9.72 4.54
N VAL A 34 -12.97 8.48 4.14
CA VAL A 34 -14.06 8.19 3.20
C VAL A 34 -15.42 8.68 3.67
N GLU A 35 -15.81 8.37 4.90
CA GLU A 35 -17.11 8.81 5.41
C GLU A 35 -17.23 10.33 5.48
N LYS A 36 -16.15 11.00 5.89
CA LYS A 36 -16.13 12.45 6.00
C LYS A 36 -16.42 13.11 4.66
N ILE A 37 -15.87 12.54 3.59
CA ILE A 37 -16.07 13.05 2.24
C ILE A 37 -17.50 12.81 1.77
N ALA A 38 -18.00 11.60 1.99
CA ALA A 38 -19.35 11.26 1.57
C ALA A 38 -20.39 12.08 2.32
N ALA A 39 -20.10 12.36 3.58
CA ALA A 39 -21.00 13.12 4.44
C ALA A 39 -21.31 14.52 3.89
N LEU A 40 -20.45 15.02 3.01
CA LEU A 40 -20.67 16.34 2.44
C LEU A 40 -21.68 16.29 1.30
N MET A 41 -21.94 15.08 0.81
CA MET A 41 -22.88 14.92 -0.29
C MET A 41 -24.22 14.36 0.17
N ASP A 42 -25.12 14.13 -0.78
CA ASP A 42 -26.45 13.64 -0.45
C ASP A 42 -26.59 12.13 -0.42
N LYS A 43 -27.52 11.66 0.42
CA LYS A 43 -27.81 10.24 0.56
C LYS A 43 -26.56 9.35 0.66
N PRO A 44 -25.63 9.69 1.57
CA PRO A 44 -24.43 8.89 1.71
C PRO A 44 -24.73 7.50 2.27
N VAL A 45 -24.16 6.47 1.65
CA VAL A 45 -24.38 5.10 2.07
C VAL A 45 -23.07 4.33 2.01
N LYS A 46 -22.81 3.52 3.04
CA LYS A 46 -21.60 2.72 3.05
C LYS A 46 -21.87 1.48 2.19
N LEU A 47 -20.99 1.21 1.23
CA LEU A 47 -21.15 0.07 0.35
C LEU A 47 -20.36 -1.15 0.79
N ALA A 48 -19.13 -0.93 1.26
CA ALA A 48 -18.30 -2.05 1.67
C ALA A 48 -17.06 -1.61 2.43
N SER A 49 -16.39 -2.60 3.01
CA SER A 49 -15.17 -2.37 3.74
C SER A 49 -14.37 -3.67 3.77
N HIS A 50 -13.26 -3.70 3.04
CA HIS A 50 -12.40 -4.88 2.99
C HIS A 50 -10.94 -4.43 2.90
N ARG A 51 -10.09 -5.01 3.74
CA ARG A 51 -8.68 -4.63 3.77
C ARG A 51 -8.64 -3.11 3.96
N GLU A 52 -7.81 -2.42 3.19
CA GLU A 52 -7.73 -0.96 3.32
C GLU A 52 -8.71 -0.27 2.38
N PHE A 53 -9.61 -1.03 1.78
CA PHE A 53 -10.57 -0.46 0.85
C PHE A 53 -11.97 -0.26 1.43
N THR A 54 -12.27 0.99 1.78
CA THR A 54 -13.58 1.33 2.34
C THR A 54 -14.31 2.16 1.30
N THR A 55 -15.50 1.71 0.91
CA THR A 55 -16.26 2.41 -0.12
C THR A 55 -17.64 2.88 0.31
N TRP A 56 -17.94 4.14 -0.03
CA TRP A 56 -19.23 4.75 0.26
C TRP A 56 -19.75 5.29 -1.07
N ARG A 57 -21.07 5.42 -1.16
CA ARG A 57 -21.69 5.98 -2.34
C ARG A 57 -22.48 7.19 -1.85
N ALA A 58 -22.53 8.24 -2.65
CA ALA A 58 -23.28 9.42 -2.27
C ALA A 58 -23.82 10.06 -3.54
N GLU A 59 -24.59 11.13 -3.38
CA GLU A 59 -25.20 11.79 -4.51
C GLU A 59 -24.73 13.24 -4.58
N LEU A 60 -24.32 13.67 -5.75
CA LEU A 60 -23.83 15.03 -5.96
C LEU A 60 -24.61 15.65 -7.12
N ASP A 61 -25.44 16.63 -6.81
CA ASP A 61 -26.26 17.30 -7.81
C ASP A 61 -27.11 16.27 -8.56
N GLY A 62 -27.65 15.30 -7.82
CA GLY A 62 -28.48 14.27 -8.42
C GLY A 62 -27.75 13.11 -9.08
N LYS A 63 -26.43 13.18 -9.14
CA LYS A 63 -25.64 12.13 -9.77
C LYS A 63 -24.92 11.27 -8.73
N PRO A 64 -24.96 9.94 -8.90
CA PRO A 64 -24.28 9.03 -7.97
C PRO A 64 -22.76 9.20 -8.07
N VAL A 65 -22.10 9.26 -6.92
CA VAL A 65 -20.66 9.43 -6.86
C VAL A 65 -20.06 8.43 -5.87
N ILE A 66 -18.85 7.97 -6.16
CA ILE A 66 -18.17 7.01 -5.32
C ILE A 66 -17.00 7.62 -4.55
N VAL A 67 -16.78 7.13 -3.34
CA VAL A 67 -15.66 7.56 -2.52
C VAL A 67 -15.04 6.25 -2.07
N CYS A 68 -13.77 6.05 -2.41
CA CYS A 68 -13.10 4.79 -2.07
C CYS A 68 -11.64 5.02 -1.68
N SER A 69 -11.28 4.54 -0.49
CA SER A 69 -9.93 4.70 0.01
C SER A 69 -8.98 3.77 -0.74
N THR A 70 -7.78 4.28 -1.02
CA THR A 70 -6.77 3.52 -1.74
C THR A 70 -5.76 2.89 -0.80
N GLY A 71 -5.68 3.40 0.41
CA GLY A 71 -4.70 2.91 1.34
C GLY A 71 -3.42 3.63 0.97
N ILE A 72 -2.33 3.39 1.69
CA ILE A 72 -1.06 4.05 1.39
C ILE A 72 -0.25 3.35 0.32
N GLY A 73 0.18 4.09 -0.70
CA GLY A 73 1.00 3.49 -1.74
C GLY A 73 0.37 3.13 -3.07
N GLY A 74 1.20 3.20 -4.12
CA GLY A 74 0.75 2.88 -5.44
C GLY A 74 0.18 1.48 -5.62
N PRO A 75 0.74 0.47 -4.93
CA PRO A 75 0.21 -0.89 -5.06
C PRO A 75 -1.27 -1.01 -4.74
N SER A 76 -1.66 -0.65 -3.53
CA SER A 76 -3.06 -0.72 -3.15
C SER A 76 -3.86 0.25 -4.01
N THR A 77 -3.25 1.38 -4.36
CA THR A 77 -3.91 2.37 -5.21
C THR A 77 -4.23 1.77 -6.58
N SER A 78 -3.27 1.04 -7.15
CA SER A 78 -3.45 0.45 -8.48
C SER A 78 -4.60 -0.56 -8.48
N ILE A 79 -4.77 -1.26 -7.35
CA ILE A 79 -5.85 -2.23 -7.23
C ILE A 79 -7.19 -1.50 -7.20
N ALA A 80 -7.29 -0.49 -6.35
CA ALA A 80 -8.51 0.28 -6.21
C ALA A 80 -8.96 0.94 -7.51
N VAL A 81 -8.01 1.58 -8.20
CA VAL A 81 -8.33 2.25 -9.46
C VAL A 81 -8.78 1.25 -10.52
N GLU A 82 -8.01 0.18 -10.68
CA GLU A 82 -8.33 -0.83 -11.67
C GLU A 82 -9.70 -1.44 -11.45
N GLU A 83 -9.98 -1.86 -10.22
CA GLU A 83 -11.26 -2.47 -9.93
C GLU A 83 -12.43 -1.50 -10.02
N LEU A 84 -12.21 -0.24 -9.66
CA LEU A 84 -13.26 0.75 -9.77
C LEU A 84 -13.52 1.00 -11.25
N ALA A 85 -12.45 0.97 -12.05
CA ALA A 85 -12.57 1.18 -13.50
C ALA A 85 -13.35 0.00 -14.08
N GLN A 86 -13.10 -1.18 -13.54
CA GLN A 86 -13.78 -2.39 -14.00
C GLN A 86 -15.27 -2.24 -13.74
N LEU A 87 -15.62 -1.39 -12.77
CA LEU A 87 -17.01 -1.16 -12.41
C LEU A 87 -17.64 0.05 -13.08
N GLY A 88 -16.89 0.72 -13.96
CA GLY A 88 -17.45 1.86 -14.66
C GLY A 88 -16.87 3.24 -14.36
N ILE A 89 -16.08 3.36 -13.29
CA ILE A 89 -15.49 4.65 -12.94
C ILE A 89 -14.50 5.09 -14.01
N ARG A 90 -14.62 6.35 -14.45
CA ARG A 90 -13.75 6.89 -15.49
C ARG A 90 -12.98 8.13 -15.06
N THR A 91 -13.41 8.74 -13.95
CA THR A 91 -12.77 9.94 -13.42
C THR A 91 -12.38 9.69 -11.95
N PHE A 92 -11.14 9.99 -11.61
CA PHE A 92 -10.65 9.80 -10.26
C PHE A 92 -10.03 11.08 -9.72
N LEU A 93 -10.46 11.48 -8.53
CA LEU A 93 -9.93 12.68 -7.89
C LEU A 93 -9.35 12.27 -6.55
N ARG A 94 -8.03 12.38 -6.41
CA ARG A 94 -7.41 12.03 -5.14
C ARG A 94 -7.31 13.23 -4.23
N ILE A 95 -7.66 13.04 -2.96
CA ILE A 95 -7.56 14.10 -1.97
C ILE A 95 -6.76 13.48 -0.83
N GLY A 96 -5.59 14.05 -0.55
CA GLY A 96 -4.76 13.51 0.51
C GLY A 96 -4.09 14.54 1.39
N THR A 97 -3.07 14.07 2.10
CA THR A 97 -2.28 14.92 2.98
C THR A 97 -0.88 14.96 2.36
N THR A 98 -0.11 15.99 2.69
CA THR A 98 1.22 16.08 2.11
C THR A 98 2.19 16.92 2.92
N GLY A 99 3.47 16.72 2.68
CA GLY A 99 4.50 17.47 3.36
C GLY A 99 5.14 18.38 2.33
N ALA A 100 5.03 19.69 2.54
CA ALA A 100 5.61 20.66 1.60
C ALA A 100 7.12 20.75 1.80
N ILE A 101 7.84 21.09 0.75
CA ILE A 101 9.29 21.23 0.83
C ILE A 101 9.79 22.59 0.35
N GLN A 102 8.85 23.52 0.17
CA GLN A 102 9.18 24.87 -0.27
C GLN A 102 8.87 25.83 0.89
N PRO A 103 9.77 26.76 1.17
CA PRO A 103 9.61 27.75 2.24
C PRO A 103 8.38 28.64 2.11
N HIS A 104 7.99 28.96 0.88
CA HIS A 104 6.85 29.83 0.65
C HIS A 104 5.48 29.17 0.79
N ILE A 105 5.47 27.86 0.97
CA ILE A 105 4.22 27.11 1.15
C ILE A 105 3.99 26.91 2.64
N ASN A 106 2.79 27.17 3.13
CA ASN A 106 2.49 27.03 4.55
C ASN A 106 1.57 25.87 4.87
N VAL A 107 1.67 25.39 6.10
CA VAL A 107 0.80 24.32 6.58
C VAL A 107 -0.61 24.89 6.47
N GLY A 108 -1.55 24.11 5.95
CA GLY A 108 -2.91 24.61 5.79
C GLY A 108 -3.18 24.96 4.34
N ASP A 109 -2.12 25.16 3.57
CA ASP A 109 -2.27 25.48 2.15
C ASP A 109 -2.71 24.23 1.40
N VAL A 110 -3.33 24.42 0.24
CA VAL A 110 -3.79 23.31 -0.58
C VAL A 110 -2.95 23.24 -1.84
N LEU A 111 -2.47 22.05 -2.16
CA LEU A 111 -1.63 21.88 -3.35
C LEU A 111 -2.29 21.04 -4.43
N VAL A 112 -2.30 21.57 -5.64
CA VAL A 112 -2.85 20.87 -6.78
C VAL A 112 -1.68 20.40 -7.65
N THR A 113 -1.62 19.09 -7.88
CA THR A 113 -0.54 18.51 -8.67
C THR A 113 -0.79 18.50 -10.18
N THR A 114 0.12 19.10 -10.94
CA THR A 114 0.01 19.13 -12.39
C THR A 114 0.62 17.83 -12.91
N ALA A 115 1.69 17.38 -12.27
CA ALA A 115 2.36 16.15 -12.65
C ALA A 115 3.25 15.72 -11.49
N SER A 116 3.70 14.47 -11.50
CA SER A 116 4.50 13.99 -10.38
C SER A 116 5.84 13.36 -10.74
N VAL A 117 6.79 13.51 -9.83
CA VAL A 117 8.09 12.91 -10.00
C VAL A 117 7.82 11.47 -9.59
N ARG A 118 8.14 10.53 -10.47
CA ARG A 118 7.88 9.12 -10.20
C ARG A 118 8.90 8.37 -9.35
N LEU A 119 8.73 8.45 -8.03
CA LEU A 119 9.62 7.76 -7.10
C LEU A 119 8.92 6.51 -6.59
N ASP A 120 8.02 5.99 -7.44
CA ASP A 120 7.24 4.79 -7.11
C ASP A 120 7.61 3.65 -8.06
N GLY A 121 7.04 2.48 -7.81
CA GLY A 121 7.32 1.35 -8.68
C GLY A 121 6.11 0.96 -9.53
N ALA A 122 4.92 1.19 -9.00
CA ALA A 122 3.69 0.81 -9.70
C ALA A 122 3.47 1.52 -11.03
N SER A 123 3.79 2.82 -11.09
CA SER A 123 3.61 3.56 -12.32
C SER A 123 4.33 2.85 -13.47
N LEU A 124 5.48 2.24 -13.16
CA LEU A 124 6.27 1.52 -14.15
C LEU A 124 5.55 0.26 -14.67
N HIS A 125 4.52 -0.18 -13.95
CA HIS A 125 3.79 -1.35 -14.39
C HIS A 125 2.73 -0.97 -15.41
N PHE A 126 2.64 0.33 -15.72
CA PHE A 126 1.67 0.84 -16.69
C PHE A 126 2.36 1.58 -17.86
N ALA A 127 3.49 2.20 -17.58
CA ALA A 127 4.23 2.93 -18.60
C ALA A 127 5.68 3.10 -18.19
N PRO A 128 6.61 3.11 -19.15
CA PRO A 128 8.03 3.28 -18.81
C PRO A 128 8.26 4.63 -18.14
N LEU A 129 9.38 4.76 -17.45
CA LEU A 129 9.70 5.99 -16.72
C LEU A 129 9.61 7.29 -17.50
N GLU A 130 9.94 7.26 -18.79
CA GLU A 130 9.88 8.47 -19.61
C GLU A 130 8.45 9.04 -19.77
N PHE A 131 7.44 8.22 -19.54
CA PHE A 131 6.06 8.68 -19.66
C PHE A 131 5.77 9.61 -18.49
N PRO A 132 5.13 10.76 -18.74
CA PRO A 132 4.82 11.71 -17.67
C PRO A 132 3.65 11.32 -16.78
N ALA A 133 3.82 11.47 -15.48
CA ALA A 133 2.75 11.18 -14.53
C ALA A 133 1.99 12.51 -14.41
N VAL A 134 1.35 12.90 -15.51
CA VAL A 134 0.61 14.15 -15.57
C VAL A 134 -0.88 13.99 -15.28
N ALA A 135 -1.45 15.01 -14.65
CA ALA A 135 -2.87 14.99 -14.32
C ALA A 135 -3.70 15.41 -15.52
N ASP A 136 -4.97 14.99 -15.53
CA ASP A 136 -5.88 15.35 -16.61
C ASP A 136 -6.07 16.87 -16.54
N PHE A 137 -6.11 17.53 -17.70
CA PHE A 137 -6.27 18.98 -17.71
C PHE A 137 -7.61 19.46 -17.14
N GLU A 138 -8.68 18.75 -17.44
CA GLU A 138 -10.01 19.13 -16.94
C GLU A 138 -10.10 18.99 -15.42
N CYS A 139 -9.54 17.93 -14.88
CA CYS A 139 -9.59 17.71 -13.44
C CYS A 139 -8.76 18.76 -12.70
N THR A 140 -7.56 19.01 -13.20
CA THR A 140 -6.67 20.00 -12.60
C THR A 140 -7.41 21.35 -12.58
N THR A 141 -7.98 21.72 -13.73
CA THR A 141 -8.71 22.97 -13.84
C THR A 141 -9.84 23.03 -12.81
N ALA A 142 -10.65 21.97 -12.76
CA ALA A 142 -11.75 21.91 -11.79
C ALA A 142 -11.25 22.09 -10.36
N LEU A 143 -10.16 21.42 -10.01
CA LEU A 143 -9.59 21.51 -8.68
C LEU A 143 -9.11 22.93 -8.40
N VAL A 144 -8.48 23.55 -9.39
CA VAL A 144 -7.99 24.92 -9.23
C VAL A 144 -9.15 25.89 -9.01
N GLU A 145 -10.19 25.78 -9.83
CA GLU A 145 -11.37 26.64 -9.72
C GLU A 145 -12.05 26.42 -8.37
N ALA A 146 -12.20 25.15 -8.00
CA ALA A 146 -12.84 24.80 -6.73
C ALA A 146 -12.11 25.44 -5.56
N ALA A 147 -10.79 25.39 -5.57
CA ALA A 147 -10.00 25.98 -4.50
C ALA A 147 -10.25 27.48 -4.46
N LYS A 148 -10.31 28.10 -5.63
CA LYS A 148 -10.54 29.53 -5.72
C LYS A 148 -11.96 29.91 -5.26
N SER A 149 -12.91 29.00 -5.46
CA SER A 149 -14.30 29.28 -5.07
C SER A 149 -14.46 29.54 -3.56
N ILE A 150 -13.61 28.93 -2.74
CA ILE A 150 -13.70 29.15 -1.30
C ILE A 150 -12.53 29.99 -0.79
N GLY A 151 -11.74 30.52 -1.72
CA GLY A 151 -10.62 31.36 -1.36
C GLY A 151 -9.48 30.73 -0.58
N ALA A 152 -9.16 29.48 -0.90
CA ALA A 152 -8.07 28.79 -0.20
C ALA A 152 -6.73 29.19 -0.79
N THR A 153 -5.70 29.29 0.06
CA THR A 153 -4.37 29.63 -0.42
C THR A 153 -3.91 28.40 -1.19
N THR A 154 -3.76 28.55 -2.50
CA THR A 154 -3.40 27.41 -3.34
C THR A 154 -2.11 27.53 -4.15
N HIS A 155 -1.44 26.39 -4.30
CA HIS A 155 -0.21 26.29 -5.07
C HIS A 155 -0.39 25.18 -6.10
N VAL A 156 0.02 25.45 -7.33
CA VAL A 156 -0.12 24.52 -8.42
C VAL A 156 1.27 24.16 -8.96
N GLY A 157 1.58 22.88 -9.02
CA GLY A 157 2.88 22.49 -9.53
C GLY A 157 3.21 21.00 -9.46
N VAL A 158 4.51 20.71 -9.46
CA VAL A 158 5.02 19.35 -9.43
C VAL A 158 5.10 18.76 -8.02
N THR A 159 4.81 17.47 -7.92
CA THR A 159 4.83 16.76 -6.64
C THR A 159 5.74 15.53 -6.74
N ALA A 160 6.51 15.29 -5.69
CA ALA A 160 7.38 14.12 -5.63
C ALA A 160 6.58 13.02 -4.93
N SER A 161 6.22 11.98 -5.68
CA SER A 161 5.42 10.88 -5.14
C SER A 161 6.32 9.66 -4.87
N SER A 162 6.53 9.38 -3.58
CA SER A 162 7.42 8.32 -3.11
C SER A 162 6.76 7.02 -2.59
N ASP A 163 7.37 5.88 -2.92
CA ASP A 163 6.86 4.58 -2.46
C ASP A 163 7.18 4.44 -0.99
N THR A 164 7.88 5.43 -0.45
CA THR A 164 8.30 5.39 0.94
C THR A 164 8.00 6.70 1.69
N PHE A 165 7.68 6.58 2.97
CA PHE A 165 7.40 7.75 3.80
C PHE A 165 8.71 8.28 4.39
N TYR A 166 9.66 7.37 4.64
CA TYR A 166 10.92 7.79 5.23
C TYR A 166 12.14 8.05 4.33
N PRO A 167 12.88 7.00 3.90
CA PRO A 167 14.05 7.31 3.05
C PRO A 167 13.77 8.02 1.72
N GLY A 168 12.71 7.61 1.03
CA GLY A 168 12.37 8.23 -0.24
C GLY A 168 12.03 9.70 -0.09
N GLN A 169 11.69 10.11 1.14
CA GLN A 169 11.39 11.50 1.43
C GLN A 169 12.55 12.06 2.26
N GLU A 170 13.68 11.36 2.15
CA GLU A 170 14.92 11.68 2.84
C GLU A 170 14.77 12.08 4.32
N ARG A 171 14.13 11.21 5.09
CA ARG A 171 13.98 11.43 6.53
C ARG A 171 15.11 10.63 7.18
N TYR A 172 15.78 11.23 8.15
CA TYR A 172 16.88 10.54 8.84
C TYR A 172 16.49 10.14 10.25
N ASP A 173 15.38 10.70 10.73
CA ASP A 173 14.88 10.41 12.06
C ASP A 173 14.23 9.03 12.03
N THR A 174 15.04 8.01 11.73
CA THR A 174 14.54 6.64 11.64
C THR A 174 15.35 5.65 12.45
N TYR A 175 14.96 4.39 12.35
CA TYR A 175 15.64 3.31 13.06
C TYR A 175 17.10 3.16 12.62
N SER A 176 17.32 3.10 11.31
CA SER A 176 18.68 2.94 10.78
C SER A 176 19.41 4.28 10.75
N GLY A 177 18.63 5.36 10.65
CA GLY A 177 19.23 6.67 10.59
C GLY A 177 20.04 6.89 9.32
N ARG A 178 19.85 6.02 8.32
CA ARG A 178 20.57 6.15 7.06
C ARG A 178 19.60 6.24 5.89
N VAL A 179 20.08 6.80 4.79
CA VAL A 179 19.31 6.93 3.56
C VAL A 179 20.18 6.41 2.43
N VAL A 180 19.65 5.44 1.67
CA VAL A 180 20.39 4.86 0.55
C VAL A 180 20.95 5.95 -0.36
N ARG A 181 22.13 5.70 -0.92
CA ARG A 181 22.81 6.66 -1.79
C ARG A 181 21.91 7.38 -2.80
N HIS A 182 21.09 6.61 -3.51
CA HIS A 182 20.21 7.18 -4.53
C HIS A 182 19.38 8.36 -4.00
N PHE A 183 19.01 8.32 -2.73
CA PHE A 183 18.20 9.38 -2.16
C PHE A 183 18.92 10.40 -1.27
N LYS A 184 20.22 10.24 -1.10
CA LYS A 184 20.98 11.18 -0.28
C LYS A 184 20.98 12.53 -1.00
N GLY A 185 20.57 13.58 -0.30
CA GLY A 185 20.53 14.90 -0.90
C GLY A 185 19.47 15.04 -1.97
N SER A 186 18.52 14.11 -2.00
CA SER A 186 17.46 14.15 -3.02
C SER A 186 16.42 15.25 -2.75
N MET A 187 16.12 15.53 -1.48
CA MET A 187 15.14 16.56 -1.17
C MET A 187 15.60 17.94 -1.64
N GLU A 188 16.85 18.26 -1.38
CA GLU A 188 17.41 19.55 -1.79
C GLU A 188 17.36 19.69 -3.31
N GLU A 189 17.56 18.58 -4.02
CA GLU A 189 17.51 18.58 -5.48
C GLU A 189 16.09 18.90 -5.94
N TRP A 190 15.11 18.21 -5.37
CA TRP A 190 13.71 18.46 -5.74
C TRP A 190 13.36 19.92 -5.44
N GLN A 191 13.82 20.41 -4.29
CA GLN A 191 13.54 21.79 -3.89
C GLN A 191 14.08 22.77 -4.92
N ALA A 192 15.32 22.56 -5.36
CA ALA A 192 15.93 23.42 -6.37
C ALA A 192 15.15 23.37 -7.67
N MET A 193 14.51 22.22 -7.93
CA MET A 193 13.75 22.05 -9.16
C MET A 193 12.33 22.60 -9.06
N GLY A 194 12.00 23.18 -7.91
CA GLY A 194 10.67 23.75 -7.73
C GLY A 194 9.58 22.79 -7.29
N VAL A 195 9.93 21.56 -6.94
CA VAL A 195 8.93 20.59 -6.49
C VAL A 195 8.29 21.14 -5.23
N MET A 196 6.96 21.09 -5.17
CA MET A 196 6.21 21.61 -4.03
C MET A 196 6.14 20.70 -2.81
N ASN A 197 5.94 19.41 -3.04
CA ASN A 197 5.72 18.50 -1.93
C ASN A 197 6.02 17.02 -2.17
N TYR A 198 5.86 16.25 -1.10
CA TYR A 198 6.04 14.79 -1.09
C TYR A 198 4.70 14.17 -0.72
N GLU A 199 4.32 13.11 -1.43
CA GLU A 199 3.09 12.37 -1.15
C GLU A 199 3.41 10.94 -1.60
N MET A 200 2.45 10.02 -1.52
CA MET A 200 2.77 8.64 -1.90
C MET A 200 1.85 7.89 -2.86
N GLU A 201 0.95 8.58 -3.56
CA GLU A 201 0.06 7.89 -4.50
C GLU A 201 -0.12 8.55 -5.86
N SER A 202 0.14 9.85 -5.98
CA SER A 202 -0.06 10.55 -7.25
C SER A 202 0.70 10.00 -8.45
N ALA A 203 1.97 9.62 -8.26
CA ALA A 203 2.74 9.08 -9.39
C ALA A 203 2.01 7.87 -9.98
N THR A 204 1.64 6.93 -9.13
CA THR A 204 0.93 5.74 -9.61
C THR A 204 -0.44 6.10 -10.19
N LEU A 205 -1.22 6.89 -9.45
CA LEU A 205 -2.55 7.29 -9.90
C LEU A 205 -2.55 7.98 -11.26
N LEU A 206 -1.78 9.06 -11.37
CA LEU A 206 -1.73 9.83 -12.60
C LEU A 206 -1.19 9.05 -13.79
N THR A 207 -0.14 8.28 -13.58
CA THR A 207 0.44 7.51 -14.69
C THR A 207 -0.54 6.46 -15.23
N MET A 208 -1.05 5.61 -14.34
CA MET A 208 -1.96 4.56 -14.78
C MET A 208 -3.22 5.12 -15.42
N CYS A 209 -3.69 6.27 -14.96
CA CYS A 209 -4.88 6.88 -15.56
C CYS A 209 -4.57 7.53 -16.90
N ALA A 210 -3.51 8.34 -16.94
CA ALA A 210 -3.13 9.03 -18.17
C ALA A 210 -2.79 8.08 -19.32
N SER A 211 -2.30 6.88 -18.98
CA SER A 211 -1.94 5.93 -20.02
C SER A 211 -3.03 4.91 -20.36
N GLN A 212 -4.20 5.06 -19.72
CA GLN A 212 -5.31 4.13 -19.97
C GLN A 212 -6.64 4.83 -20.27
N GLY A 213 -6.59 6.08 -20.68
CA GLY A 213 -7.81 6.80 -21.02
C GLY A 213 -8.73 7.17 -19.86
N LEU A 214 -8.19 7.22 -18.65
CA LEU A 214 -8.97 7.58 -17.47
C LEU A 214 -8.53 8.98 -17.02
N ARG A 215 -9.47 9.79 -16.53
CA ARG A 215 -9.14 11.14 -16.07
C ARG A 215 -8.83 11.14 -14.58
N ALA A 216 -7.75 11.82 -14.20
CA ALA A 216 -7.38 11.90 -12.79
C ALA A 216 -6.91 13.28 -12.36
N GLY A 217 -7.27 13.66 -11.14
CA GLY A 217 -6.89 14.93 -10.57
C GLY A 217 -6.25 14.64 -9.22
N MET A 218 -5.44 15.58 -8.71
CA MET A 218 -4.77 15.36 -7.44
C MET A 218 -4.67 16.63 -6.59
N VAL A 219 -5.19 16.56 -5.37
CA VAL A 219 -5.14 17.69 -4.46
C VAL A 219 -4.85 17.20 -3.04
N ALA A 220 -4.06 17.97 -2.30
CA ALA A 220 -3.72 17.59 -0.93
C ALA A 220 -3.51 18.80 -0.03
N GLY A 221 -3.81 18.61 1.25
CA GLY A 221 -3.63 19.68 2.22
C GLY A 221 -2.30 19.51 2.92
N VAL A 222 -1.60 20.63 3.12
CA VAL A 222 -0.30 20.59 3.78
C VAL A 222 -0.42 20.44 5.29
N ILE A 223 0.14 19.36 5.83
CA ILE A 223 0.08 19.15 7.28
C ILE A 223 1.46 19.30 7.91
N VAL A 224 2.45 19.63 7.09
CA VAL A 224 3.81 19.82 7.58
C VAL A 224 4.66 20.42 6.48
N ASN A 225 5.66 21.19 6.88
CA ASN A 225 6.56 21.80 5.91
C ASN A 225 7.97 21.41 6.33
N ARG A 226 8.60 20.54 5.55
CA ARG A 226 9.93 20.07 5.84
C ARG A 226 10.99 21.17 6.00
N THR A 227 10.72 22.37 5.47
CA THR A 227 11.69 23.46 5.58
C THR A 227 11.42 24.42 6.73
N GLN A 228 10.30 24.26 7.41
CA GLN A 228 10.00 25.15 8.53
C GLN A 228 9.54 24.39 9.76
N GLN A 229 10.41 24.36 10.76
CA GLN A 229 10.11 23.67 12.02
C GLN A 229 8.98 24.38 12.76
N GLU A 230 8.02 23.58 13.22
CA GLU A 230 6.88 24.10 13.97
C GLU A 230 6.09 22.92 14.53
N ILE A 231 5.78 23.01 15.83
CA ILE A 231 5.02 21.95 16.49
C ILE A 231 3.67 21.76 15.81
N PRO A 232 3.39 20.53 15.33
CA PRO A 232 2.13 20.21 14.66
C PRO A 232 0.90 20.58 15.48
N ASN A 233 -0.11 21.11 14.80
CA ASN A 233 -1.36 21.50 15.44
C ASN A 233 -2.47 20.58 14.92
N ALA A 234 -2.91 19.65 15.77
CA ALA A 234 -3.95 18.70 15.40
C ALA A 234 -5.20 19.40 14.88
N GLU A 235 -5.56 20.51 15.54
CA GLU A 235 -6.73 21.28 15.14
C GLU A 235 -6.52 21.79 13.72
N THR A 236 -5.32 22.32 13.47
CA THR A 236 -4.97 22.85 12.16
C THR A 236 -5.06 21.76 11.09
N MET A 237 -4.56 20.57 11.42
CA MET A 237 -4.60 19.46 10.50
C MET A 237 -6.04 19.10 10.14
N LYS A 238 -6.88 18.98 11.16
CA LYS A 238 -8.29 18.65 10.95
C LYS A 238 -8.91 19.72 10.07
N GLN A 239 -8.60 20.98 10.37
CA GLN A 239 -9.13 22.10 9.61
C GLN A 239 -8.67 22.03 8.15
N THR A 240 -7.40 21.67 7.95
CA THR A 240 -6.84 21.57 6.60
C THR A 240 -7.53 20.47 5.80
N GLU A 241 -7.63 19.28 6.38
CA GLU A 241 -8.26 18.15 5.71
C GLU A 241 -9.68 18.52 5.28
N SER A 242 -10.36 19.29 6.14
CA SER A 242 -11.72 19.73 5.89
C SER A 242 -11.76 20.65 4.66
N HIS A 243 -10.77 21.53 4.57
CA HIS A 243 -10.66 22.47 3.47
C HIS A 243 -10.49 21.72 2.15
N ALA A 244 -9.53 20.80 2.13
CA ALA A 244 -9.22 19.99 0.95
C ALA A 244 -10.41 19.14 0.52
N VAL A 245 -11.09 18.53 1.50
CA VAL A 245 -12.27 17.70 1.22
C VAL A 245 -13.36 18.52 0.53
N LYS A 246 -13.63 19.70 1.05
CA LYS A 246 -14.65 20.57 0.48
C LYS A 246 -14.25 20.91 -0.96
N ILE A 247 -12.94 21.06 -1.17
CA ILE A 247 -12.43 21.39 -2.51
C ILE A 247 -12.55 20.25 -3.51
N VAL A 248 -12.22 19.03 -3.08
CA VAL A 248 -12.28 17.89 -3.99
C VAL A 248 -13.73 17.61 -4.37
N VAL A 249 -14.65 17.77 -3.42
CA VAL A 249 -16.06 17.53 -3.69
C VAL A 249 -16.58 18.58 -4.67
N GLU A 250 -16.23 19.83 -4.43
CA GLU A 250 -16.65 20.93 -5.31
C GLU A 250 -16.07 20.72 -6.71
N ALA A 251 -14.87 20.16 -6.79
CA ALA A 251 -14.25 19.92 -8.09
C ALA A 251 -15.03 18.84 -8.83
N ALA A 252 -15.44 17.82 -8.08
CA ALA A 252 -16.21 16.72 -8.63
C ALA A 252 -17.50 17.23 -9.28
N ARG A 253 -18.13 18.23 -8.67
CA ARG A 253 -19.37 18.81 -9.19
C ARG A 253 -19.16 19.35 -10.60
N ARG A 254 -18.00 19.95 -10.84
CA ARG A 254 -17.67 20.53 -12.14
C ARG A 254 -17.26 19.47 -13.15
N LEU A 255 -17.07 18.24 -12.70
CA LEU A 255 -16.65 17.18 -13.58
C LEU A 255 -17.76 16.18 -13.92
N LEU A 256 -18.93 16.39 -13.32
CA LEU A 256 -20.07 15.51 -13.56
C LEU A 256 -20.59 15.59 -14.99
N SER B 7 0.86 8.58 20.97
CA SER B 7 1.54 7.58 20.08
C SER B 7 2.99 7.97 19.83
N ASP B 8 3.89 6.98 19.88
CA ASP B 8 5.30 7.25 19.67
C ASP B 8 5.73 7.20 18.21
N VAL B 9 4.84 6.75 17.33
CA VAL B 9 5.13 6.66 15.90
C VAL B 9 4.08 7.41 15.09
N PHE B 10 4.41 7.76 13.85
CA PHE B 10 3.51 8.54 13.02
C PHE B 10 2.23 7.88 12.50
N HIS B 11 2.29 6.59 12.15
CA HIS B 11 1.11 5.93 11.61
C HIS B 11 0.44 4.82 12.43
N LEU B 12 1.25 3.98 13.07
CA LEU B 12 0.71 2.85 13.82
C LEU B 12 -0.12 3.15 15.08
N GLY B 13 0.00 4.36 15.62
CA GLY B 13 -0.77 4.69 16.81
C GLY B 13 -0.41 3.75 17.94
N LEU B 14 0.88 3.57 18.17
CA LEU B 14 1.38 2.69 19.21
C LEU B 14 2.45 3.39 20.01
N THR B 15 2.67 2.92 21.23
CA THR B 15 3.71 3.48 22.09
C THR B 15 4.68 2.33 22.41
N LYS B 16 5.89 2.68 22.79
CA LYS B 16 6.91 1.68 23.14
C LYS B 16 6.38 0.69 24.18
N ASN B 17 5.70 1.20 25.20
CA ASN B 17 5.16 0.36 26.27
C ASN B 17 4.09 -0.61 25.82
N ASP B 18 3.32 -0.24 24.80
CA ASP B 18 2.28 -1.14 24.31
C ASP B 18 2.84 -2.53 23.99
N LEU B 19 4.07 -2.56 23.50
CA LEU B 19 4.73 -3.82 23.12
C LEU B 19 5.28 -4.64 24.29
N GLN B 20 5.35 -4.02 25.46
CA GLN B 20 5.86 -4.71 26.65
C GLN B 20 7.15 -5.47 26.37
N GLY B 21 8.06 -4.83 25.63
CA GLY B 21 9.34 -5.45 25.32
C GLY B 21 9.40 -6.42 24.15
N ALA B 22 8.30 -6.55 23.41
CA ALA B 22 8.27 -7.47 22.26
C ALA B 22 9.35 -7.11 21.26
N THR B 23 9.97 -8.14 20.68
CA THR B 23 11.03 -7.91 19.69
C THR B 23 10.74 -8.64 18.38
N LEU B 24 9.64 -9.38 18.33
CA LEU B 24 9.27 -10.10 17.11
C LEU B 24 7.85 -9.77 16.72
N ALA B 25 7.63 -9.56 15.43
CA ALA B 25 6.30 -9.23 14.93
C ALA B 25 5.92 -10.08 13.73
N ILE B 26 4.66 -10.49 13.69
CA ILE B 26 4.15 -11.27 12.57
C ILE B 26 3.39 -10.23 11.76
N VAL B 27 3.73 -10.11 10.47
CA VAL B 27 3.10 -9.10 9.65
C VAL B 27 2.33 -9.57 8.43
N PRO B 28 1.03 -9.81 8.60
CA PRO B 28 0.18 -10.26 7.49
C PRO B 28 -0.16 -9.03 6.64
N GLY B 29 -0.62 -9.25 5.41
CA GLY B 29 -0.95 -8.12 4.56
C GLY B 29 -2.33 -7.57 4.83
N ASP B 30 -3.23 -8.45 5.21
CA ASP B 30 -4.62 -8.09 5.47
C ASP B 30 -4.92 -7.81 6.96
N PRO B 31 -5.49 -6.63 7.25
CA PRO B 31 -5.83 -6.22 8.62
C PRO B 31 -6.73 -7.25 9.29
N ASP B 32 -7.61 -7.84 8.48
CA ASP B 32 -8.57 -8.84 8.95
C ASP B 32 -7.94 -10.12 9.48
N ARG B 33 -6.73 -10.43 9.01
CA ARG B 33 -6.05 -11.64 9.43
C ARG B 33 -5.29 -11.49 10.76
N VAL B 34 -5.09 -10.24 11.20
CA VAL B 34 -4.37 -9.98 12.44
C VAL B 34 -4.98 -10.67 13.66
N GLU B 35 -6.29 -10.51 13.87
CA GLU B 35 -6.93 -11.14 15.02
C GLU B 35 -6.83 -12.66 14.98
N LYS B 36 -6.99 -13.24 13.79
CA LYS B 36 -6.92 -14.69 13.63
C LYS B 36 -5.57 -15.23 14.08
N ILE B 37 -4.51 -14.50 13.77
CA ILE B 37 -3.16 -14.89 14.13
C ILE B 37 -2.94 -14.77 15.63
N ALA B 38 -3.36 -13.64 16.21
CA ALA B 38 -3.20 -13.41 17.63
C ALA B 38 -4.00 -14.41 18.46
N ALA B 39 -5.18 -14.78 17.95
CA ALA B 39 -6.06 -15.70 18.62
C ALA B 39 -5.42 -17.07 18.89
N LEU B 40 -4.38 -17.39 18.14
CA LEU B 40 -3.68 -18.67 18.32
C LEU B 40 -2.73 -18.62 19.50
N MET B 41 -2.41 -17.41 19.96
CA MET B 41 -1.49 -17.25 21.07
C MET B 41 -2.21 -16.88 22.36
N ASP B 42 -1.46 -16.67 23.43
CA ASP B 42 -2.05 -16.35 24.73
C ASP B 42 -2.27 -14.86 24.99
N LYS B 43 -3.28 -14.59 25.82
CA LYS B 43 -3.63 -13.22 26.20
C LYS B 43 -3.63 -12.23 25.05
N PRO B 44 -4.35 -12.54 23.96
CA PRO B 44 -4.40 -11.63 22.81
C PRO B 44 -5.14 -10.34 23.15
N VAL B 45 -4.55 -9.21 22.78
CA VAL B 45 -5.15 -7.91 23.05
C VAL B 45 -4.99 -6.99 21.86
N LYS B 46 -6.05 -6.27 21.51
CA LYS B 46 -5.98 -5.35 20.38
C LYS B 46 -5.36 -4.06 20.88
N LEU B 47 -4.28 -3.63 20.23
CA LEU B 47 -3.58 -2.41 20.62
C LEU B 47 -3.99 -1.17 19.86
N ALA B 48 -4.29 -1.32 18.57
CA ALA B 48 -4.67 -0.16 17.77
C ALA B 48 -5.16 -0.54 16.40
N SER B 49 -5.76 0.44 15.74
CA SER B 49 -6.27 0.27 14.40
C SER B 49 -6.33 1.64 13.75
N HIS B 50 -5.44 1.86 12.79
CA HIS B 50 -5.40 3.13 12.06
C HIS B 50 -5.04 2.85 10.61
N ARG B 51 -5.80 3.45 9.69
CA ARG B 51 -5.57 3.23 8.27
C ARG B 51 -5.56 1.71 8.06
N GLU B 52 -4.61 1.20 7.29
CA GLU B 52 -4.55 -0.24 7.05
C GLU B 52 -3.71 -0.96 8.10
N PHE B 53 -3.33 -0.25 9.14
CA PHE B 53 -2.50 -0.81 10.19
C PHE B 53 -3.28 -1.24 11.45
N THR B 54 -3.53 -2.53 11.57
CA THR B 54 -4.23 -3.06 12.73
C THR B 54 -3.22 -3.85 13.55
N THR B 55 -3.07 -3.50 14.82
CA THR B 55 -2.09 -4.17 15.68
C THR B 55 -2.65 -4.82 16.93
N TRP B 56 -2.26 -6.08 17.14
CA TRP B 56 -2.65 -6.83 18.32
C TRP B 56 -1.36 -7.28 19.01
N ARG B 57 -1.47 -7.57 20.30
CA ARG B 57 -0.34 -8.07 21.06
C ARG B 57 -0.80 -9.39 21.63
N ALA B 58 0.10 -10.35 21.73
CA ALA B 58 -0.24 -11.65 22.28
C ALA B 58 0.98 -12.20 22.98
N GLU B 59 0.83 -13.36 23.61
CA GLU B 59 1.94 -13.96 24.32
C GLU B 59 2.24 -15.33 23.73
N LEU B 60 3.50 -15.59 23.47
CA LEU B 60 3.93 -16.87 22.90
C LEU B 60 5.03 -17.45 23.80
N ASP B 61 4.71 -18.55 24.46
CA ASP B 61 5.65 -19.21 25.38
C ASP B 61 6.14 -18.20 26.41
N GLY B 62 5.22 -17.38 26.93
CA GLY B 62 5.57 -16.41 27.95
C GLY B 62 6.20 -15.13 27.46
N LYS B 63 6.43 -15.04 26.15
CA LYS B 63 7.05 -13.85 25.57
C LYS B 63 6.06 -13.01 24.77
N PRO B 64 6.06 -11.69 24.97
CA PRO B 64 5.15 -10.80 24.23
C PRO B 64 5.52 -10.79 22.75
N VAL B 65 4.49 -10.89 21.91
CA VAL B 65 4.69 -10.91 20.46
C VAL B 65 3.70 -9.96 19.81
N ILE B 66 4.11 -9.33 18.71
CA ILE B 66 3.26 -8.40 18.00
C ILE B 66 2.76 -8.94 16.66
N VAL B 67 1.53 -8.59 16.30
CA VAL B 67 0.95 -8.97 15.03
C VAL B 67 0.45 -7.66 14.45
N CYS B 68 0.97 -7.28 13.29
CA CYS B 68 0.60 -6.00 12.68
C CYS B 68 0.45 -6.11 11.17
N SER B 69 -0.72 -5.72 10.67
CA SER B 69 -0.97 -5.78 9.24
C SER B 69 -0.19 -4.69 8.51
N THR B 70 0.30 -5.02 7.34
CA THR B 70 1.09 -4.09 6.53
C THR B 70 0.24 -3.44 5.44
N GLY B 71 -0.88 -4.06 5.11
CA GLY B 71 -1.70 -3.54 4.04
C GLY B 71 -1.04 -4.08 2.77
N ILE B 72 -1.64 -3.82 1.62
CA ILE B 72 -1.08 -4.30 0.36
C ILE B 72 0.02 -3.39 -0.19
N GLY B 73 1.17 -3.98 -0.54
CA GLY B 73 2.23 -3.19 -1.13
C GLY B 73 3.41 -2.76 -0.27
N GLY B 74 4.58 -2.68 -0.90
CA GLY B 74 5.79 -2.28 -0.19
C GLY B 74 5.70 -0.94 0.53
N PRO B 75 5.00 0.06 -0.04
CA PRO B 75 4.91 1.36 0.62
C PRO B 75 4.35 1.29 2.04
N SER B 76 3.14 0.75 2.18
CA SER B 76 2.54 0.62 3.50
C SER B 76 3.36 -0.32 4.35
N THR B 77 3.94 -1.33 3.70
CA THR B 77 4.78 -2.30 4.40
C THR B 77 6.01 -1.61 4.99
N SER B 78 6.65 -0.75 4.21
CA SER B 78 7.86 -0.04 4.67
C SER B 78 7.56 0.85 5.87
N ILE B 79 6.35 1.41 5.91
CA ILE B 79 5.96 2.25 7.03
C ILE B 79 5.80 1.39 8.29
N ALA B 80 5.07 0.28 8.16
CA ALA B 80 4.84 -0.61 9.28
C ALA B 80 6.11 -1.20 9.87
N VAL B 81 7.02 -1.66 9.00
CA VAL B 81 8.27 -2.24 9.45
C VAL B 81 9.12 -1.20 10.15
N GLU B 82 9.30 -0.04 9.51
CA GLU B 82 10.10 1.02 10.08
C GLU B 82 9.59 1.46 11.46
N GLU B 83 8.30 1.74 11.56
CA GLU B 83 7.75 2.18 12.83
C GLU B 83 7.78 1.10 13.89
N LEU B 84 7.59 -0.16 13.51
CA LEU B 84 7.65 -1.25 14.49
C LEU B 84 9.10 -1.36 14.97
N ALA B 85 10.05 -1.16 14.05
CA ALA B 85 11.46 -1.22 14.38
C ALA B 85 11.79 -0.09 15.34
N GLN B 86 11.16 1.06 15.13
CA GLN B 86 11.36 2.22 16.00
C GLN B 86 10.90 1.88 17.41
N LEU B 87 10.02 0.88 17.51
CA LEU B 87 9.47 0.48 18.80
C LEU B 87 10.17 -0.72 19.42
N GLY B 88 11.21 -1.22 18.76
CA GLY B 88 11.94 -2.36 19.30
C GLY B 88 11.88 -3.67 18.54
N ILE B 89 10.97 -3.80 17.59
CA ILE B 89 10.86 -5.05 16.84
C ILE B 89 12.13 -5.27 15.99
N ARG B 90 12.70 -6.46 16.09
CA ARG B 90 13.92 -6.81 15.35
C ARG B 90 13.75 -8.00 14.41
N THR B 91 12.67 -8.75 14.59
CA THR B 91 12.38 -9.91 13.74
C THR B 91 10.97 -9.79 13.15
N PHE B 92 10.86 -9.96 11.83
CA PHE B 92 9.57 -9.87 11.15
C PHE B 92 9.29 -11.11 10.32
N LEU B 93 8.10 -11.69 10.54
CA LEU B 93 7.70 -12.87 9.80
C LEU B 93 6.43 -12.54 9.04
N ARG B 94 6.51 -12.51 7.72
CA ARG B 94 5.32 -12.20 6.93
C ARG B 94 4.57 -13.48 6.59
N ILE B 95 3.25 -13.40 6.71
CA ILE B 95 2.38 -14.49 6.37
C ILE B 95 1.35 -13.91 5.41
N GLY B 96 1.26 -14.47 4.21
CA GLY B 96 0.31 -13.94 3.27
C GLY B 96 -0.33 -14.97 2.38
N THR B 97 -0.92 -14.49 1.29
CA THR B 97 -1.56 -15.33 0.30
C THR B 97 -0.75 -15.14 -0.96
N THR B 98 -0.83 -16.09 -1.88
CA THR B 98 -0.04 -16.01 -3.09
C THR B 98 -0.60 -16.81 -4.26
N GLY B 99 -0.15 -16.45 -5.46
CA GLY B 99 -0.57 -17.15 -6.65
C GLY B 99 0.64 -17.89 -7.20
N ALA B 100 0.56 -19.22 -7.25
CA ALA B 100 1.67 -20.02 -7.74
C ALA B 100 1.72 -19.95 -9.27
N ILE B 101 2.91 -20.13 -9.84
CA ILE B 101 3.06 -20.11 -11.28
C ILE B 101 3.76 -21.35 -11.80
N GLN B 102 3.90 -22.35 -10.93
CA GLN B 102 4.54 -23.61 -11.31
C GLN B 102 3.47 -24.70 -11.29
N PRO B 103 3.46 -25.57 -12.32
CA PRO B 103 2.48 -26.66 -12.42
C PRO B 103 2.52 -27.67 -11.27
N HIS B 104 3.71 -27.90 -10.71
CA HIS B 104 3.86 -28.87 -9.64
C HIS B 104 3.41 -28.38 -8.27
N ILE B 105 3.08 -27.09 -8.17
CA ILE B 105 2.64 -26.51 -6.90
C ILE B 105 1.11 -26.47 -6.90
N ASN B 106 0.50 -26.92 -5.81
CA ASN B 106 -0.96 -26.94 -5.75
C ASN B 106 -1.56 -25.93 -4.77
N VAL B 107 -2.80 -25.56 -5.04
CA VAL B 107 -3.52 -24.64 -4.17
C VAL B 107 -3.57 -25.35 -2.83
N GLY B 108 -3.30 -24.63 -1.75
CA GLY B 108 -3.30 -25.24 -0.43
C GLY B 108 -1.88 -25.44 0.06
N ASP B 109 -0.93 -25.52 -0.87
CA ASP B 109 0.47 -25.70 -0.51
C ASP B 109 1.00 -24.43 0.15
N VAL B 110 2.07 -24.57 0.91
CA VAL B 110 2.68 -23.44 1.61
C VAL B 110 4.04 -23.17 0.98
N LEU B 111 4.29 -21.90 0.69
CA LEU B 111 5.56 -21.53 0.07
C LEU B 111 6.43 -20.67 0.97
N VAL B 112 7.68 -21.08 1.12
CA VAL B 112 8.63 -20.33 1.94
C VAL B 112 9.61 -19.66 0.97
N THR B 113 9.70 -18.34 1.07
CA THR B 113 10.57 -17.56 0.20
C THR B 113 12.01 -17.42 0.69
N THR B 114 12.96 -17.85 -0.13
CA THR B 114 14.37 -17.74 0.22
C THR B 114 14.84 -16.34 -0.18
N ALA B 115 14.32 -15.85 -1.29
CA ALA B 115 14.67 -14.52 -1.80
C ALA B 115 13.61 -14.10 -2.82
N SER B 116 13.54 -12.81 -3.13
CA SER B 116 12.52 -12.35 -4.06
C SER B 116 12.99 -11.55 -5.26
N VAL B 117 12.25 -11.69 -6.36
CA VAL B 117 12.54 -10.93 -7.56
C VAL B 117 11.93 -9.58 -7.22
N ARG B 118 12.73 -8.53 -7.31
CA ARG B 118 12.29 -7.20 -6.96
C ARG B 118 11.52 -6.44 -8.04
N LEU B 119 10.21 -6.67 -8.10
CA LEU B 119 9.37 -5.98 -9.07
C LEU B 119 8.62 -4.87 -8.34
N ASP B 120 9.26 -4.33 -7.30
CA ASP B 120 8.67 -3.27 -6.48
C ASP B 120 9.53 -2.02 -6.55
N GLY B 121 9.04 -0.94 -5.95
CA GLY B 121 9.80 0.29 -5.95
C GLY B 121 10.39 0.62 -4.59
N ALA B 122 9.73 0.20 -3.52
CA ALA B 122 10.18 0.50 -2.16
C ALA B 122 11.55 -0.08 -1.78
N SER B 123 11.81 -1.31 -2.21
CA SER B 123 13.08 -1.95 -1.90
C SER B 123 14.24 -1.05 -2.36
N LEU B 124 14.03 -0.35 -3.48
CA LEU B 124 15.04 0.55 -4.03
C LEU B 124 15.29 1.76 -3.13
N HIS B 125 14.36 2.00 -2.21
CA HIS B 125 14.54 3.13 -1.31
C HIS B 125 15.42 2.72 -0.12
N PHE B 126 15.87 1.46 -0.12
CA PHE B 126 16.74 0.96 0.94
C PHE B 126 18.07 0.42 0.41
N ALA B 127 18.05 -0.12 -0.80
CA ALA B 127 19.26 -0.65 -1.42
C ALA B 127 19.08 -0.69 -2.93
N PRO B 128 20.18 -0.50 -3.69
CA PRO B 128 20.08 -0.52 -5.15
C PRO B 128 19.63 -1.90 -5.61
N LEU B 129 19.12 -1.99 -6.83
CA LEU B 129 18.59 -3.24 -7.37
C LEU B 129 19.51 -4.46 -7.26
N GLU B 130 20.81 -4.27 -7.40
CA GLU B 130 21.74 -5.40 -7.32
C GLU B 130 21.75 -6.10 -5.94
N PHE B 131 21.28 -5.43 -4.91
CA PHE B 131 21.23 -6.01 -3.57
C PHE B 131 20.13 -7.08 -3.56
N PRO B 132 20.42 -8.25 -2.98
CA PRO B 132 19.42 -9.32 -2.94
C PRO B 132 18.32 -9.17 -1.89
N ALA B 133 17.08 -9.40 -2.31
CA ALA B 133 15.96 -9.35 -1.38
C ALA B 133 15.91 -10.76 -0.79
N VAL B 134 16.91 -11.09 0.00
CA VAL B 134 17.02 -12.42 0.62
C VAL B 134 16.48 -12.47 2.04
N ALA B 135 15.88 -13.60 2.40
CA ALA B 135 15.33 -13.77 3.73
C ALA B 135 16.43 -14.16 4.71
N ASP B 136 16.21 -13.88 5.98
CA ASP B 136 17.17 -14.23 7.02
C ASP B 136 17.25 -15.76 7.06
N PHE B 137 18.44 -16.30 7.24
CA PHE B 137 18.58 -17.74 7.27
C PHE B 137 17.88 -18.42 8.45
N GLU B 138 17.94 -17.79 9.62
CA GLU B 138 17.30 -18.37 10.79
C GLU B 138 15.77 -18.40 10.66
N CYS B 139 15.19 -17.32 10.12
CA CYS B 139 13.75 -17.26 9.95
C CYS B 139 13.28 -18.28 8.91
N THR B 140 13.99 -18.35 7.79
CA THR B 140 13.65 -19.29 6.73
C THR B 140 13.67 -20.70 7.32
N THR B 141 14.75 -21.03 8.02
CA THR B 141 14.89 -22.34 8.64
C THR B 141 13.70 -22.61 9.58
N ALA B 142 13.38 -21.65 10.45
CA ALA B 142 12.28 -21.81 11.39
C ALA B 142 10.96 -22.08 10.66
N LEU B 143 10.72 -21.34 9.59
CA LEU B 143 9.50 -21.51 8.81
C LEU B 143 9.47 -22.89 8.16
N VAL B 144 10.60 -23.33 7.63
CA VAL B 144 10.68 -24.65 7.01
C VAL B 144 10.40 -25.76 8.03
N GLU B 145 11.03 -25.68 9.20
CA GLU B 145 10.84 -26.67 10.25
C GLU B 145 9.38 -26.65 10.72
N ALA B 146 8.86 -25.45 10.93
CA ALA B 146 7.47 -25.28 11.37
C ALA B 146 6.50 -25.97 10.41
N ALA B 147 6.72 -25.79 9.11
CA ALA B 147 5.87 -26.41 8.11
C ALA B 147 5.98 -27.93 8.22
N LYS B 148 7.21 -28.42 8.38
CA LYS B 148 7.42 -29.85 8.51
C LYS B 148 6.75 -30.41 9.77
N SER B 149 6.73 -29.62 10.85
CA SER B 149 6.15 -30.07 12.11
C SER B 149 4.68 -30.47 12.01
N ILE B 150 3.94 -29.89 11.07
CA ILE B 150 2.54 -30.26 10.91
C ILE B 150 2.31 -31.03 9.61
N GLY B 151 3.39 -31.37 8.94
CA GLY B 151 3.32 -32.12 7.70
C GLY B 151 2.67 -31.43 6.52
N ALA B 152 2.89 -30.13 6.37
CA ALA B 152 2.30 -29.38 5.26
C ALA B 152 3.14 -29.55 4.00
N THR B 153 2.48 -29.67 2.85
CA THR B 153 3.18 -29.80 1.58
C THR B 153 3.85 -28.45 1.37
N THR B 154 5.18 -28.44 1.42
CA THR B 154 5.92 -27.20 1.30
C THR B 154 6.92 -27.09 0.16
N HIS B 155 7.05 -25.88 -0.36
CA HIS B 155 7.99 -25.57 -1.44
C HIS B 155 8.84 -24.39 -1.01
N VAL B 156 10.14 -24.51 -1.21
CA VAL B 156 11.09 -23.48 -0.82
C VAL B 156 11.78 -22.94 -2.07
N GLY B 157 11.76 -21.61 -2.24
CA GLY B 157 12.39 -21.04 -3.42
C GLY B 157 12.19 -19.54 -3.60
N VAL B 158 12.37 -19.10 -4.85
CA VAL B 158 12.25 -17.70 -5.23
C VAL B 158 10.81 -17.27 -5.50
N THR B 159 10.50 -16.04 -5.10
CA THR B 159 9.19 -15.45 -5.27
C THR B 159 9.26 -14.12 -6.02
N ALA B 160 8.34 -13.91 -6.94
CA ALA B 160 8.29 -12.65 -7.69
C ALA B 160 7.36 -11.71 -6.91
N SER B 161 7.93 -10.63 -6.36
CA SER B 161 7.15 -9.68 -5.55
C SER B 161 6.85 -8.42 -6.37
N SER B 162 5.59 -8.27 -6.75
CA SER B 162 5.12 -7.16 -7.60
C SER B 162 4.39 -5.99 -6.92
N ASP B 163 4.68 -4.78 -7.36
CA ASP B 163 4.03 -3.58 -6.83
C ASP B 163 2.60 -3.55 -7.38
N THR B 164 2.29 -4.51 -8.24
CA THR B 164 0.98 -4.56 -8.87
C THR B 164 0.35 -5.94 -8.85
N PHE B 165 -0.98 -5.98 -8.71
CA PHE B 165 -1.70 -7.24 -8.69
C PHE B 165 -2.02 -7.68 -10.12
N TYR B 166 -2.20 -6.71 -11.02
CA TYR B 166 -2.55 -7.04 -12.39
C TYR B 166 -1.45 -7.08 -13.46
N PRO B 167 -1.03 -5.92 -14.03
CA PRO B 167 0.02 -6.02 -15.06
C PRO B 167 1.35 -6.63 -14.62
N GLY B 168 1.82 -6.26 -13.43
CA GLY B 168 3.07 -6.80 -12.93
C GLY B 168 3.05 -8.30 -12.77
N GLN B 169 1.84 -8.87 -12.68
CA GLN B 169 1.66 -10.30 -12.55
C GLN B 169 1.11 -10.82 -13.88
N GLU B 170 1.30 -9.99 -14.91
CA GLU B 170 0.86 -10.25 -16.27
C GLU B 170 -0.56 -10.79 -16.39
N ARG B 171 -1.51 -10.07 -15.82
CA ARG B 171 -2.92 -10.44 -15.92
C ARG B 171 -3.50 -9.59 -17.06
N TYR B 172 -4.28 -10.21 -17.94
CA TYR B 172 -4.86 -9.48 -19.06
C TYR B 172 -6.35 -9.27 -18.88
N ASP B 173 -6.93 -9.99 -17.92
CA ASP B 173 -8.35 -9.88 -17.63
C ASP B 173 -8.59 -8.58 -16.86
N THR B 174 -8.29 -7.46 -17.51
CA THR B 174 -8.42 -6.16 -16.88
C THR B 174 -9.21 -5.16 -17.72
N TYR B 175 -9.30 -3.93 -17.21
CA TYR B 175 -10.02 -2.87 -17.89
C TYR B 175 -9.39 -2.51 -19.23
N SER B 176 -8.07 -2.32 -19.25
CA SER B 176 -7.37 -1.98 -20.48
C SER B 176 -7.07 -3.22 -21.30
N GLY B 177 -6.94 -4.35 -20.63
CA GLY B 177 -6.64 -5.59 -21.32
C GLY B 177 -5.25 -5.59 -21.92
N ARG B 178 -4.40 -4.64 -21.52
CA ARG B 178 -3.04 -4.56 -22.04
C ARG B 178 -2.02 -4.61 -20.90
N VAL B 179 -0.81 -5.05 -21.23
CA VAL B 179 0.28 -5.13 -20.27
C VAL B 179 1.46 -4.40 -20.89
N VAL B 180 2.04 -3.47 -20.14
CA VAL B 180 3.18 -2.69 -20.63
C VAL B 180 4.29 -3.62 -21.12
N ARG B 181 5.00 -3.19 -22.17
CA ARG B 181 6.05 -3.99 -22.79
C ARG B 181 6.99 -4.67 -21.82
N HIS B 182 7.46 -3.93 -20.82
CA HIS B 182 8.39 -4.48 -19.84
C HIS B 182 7.89 -5.79 -19.21
N PHE B 183 6.58 -5.92 -19.05
CA PHE B 183 6.02 -7.11 -18.44
C PHE B 183 5.35 -8.12 -19.37
N LYS B 184 5.39 -7.86 -20.67
CA LYS B 184 4.80 -8.78 -21.64
C LYS B 184 5.67 -10.03 -21.68
N GLY B 185 5.05 -11.19 -21.45
CA GLY B 185 5.79 -12.43 -21.46
C GLY B 185 6.68 -12.59 -20.25
N SER B 186 6.47 -11.75 -19.23
CA SER B 186 7.28 -11.81 -18.02
C SER B 186 7.00 -13.04 -17.15
N MET B 187 5.73 -13.46 -17.07
CA MET B 187 5.41 -14.63 -16.26
C MET B 187 6.10 -15.89 -16.77
N GLU B 188 6.06 -16.10 -18.08
CA GLU B 188 6.70 -17.28 -18.68
C GLU B 188 8.20 -17.27 -18.38
N GLU B 189 8.80 -16.08 -18.36
CA GLU B 189 10.23 -15.94 -18.08
C GLU B 189 10.51 -16.38 -16.63
N TRP B 190 9.72 -15.87 -15.69
CA TRP B 190 9.89 -16.22 -14.28
C TRP B 190 9.70 -17.72 -14.12
N GLN B 191 8.71 -18.28 -14.80
CA GLN B 191 8.43 -19.71 -14.72
C GLN B 191 9.65 -20.52 -15.15
N ALA B 192 10.24 -20.14 -16.28
CA ALA B 192 11.42 -20.82 -16.80
C ALA B 192 12.59 -20.70 -15.84
N MET B 193 12.59 -19.65 -15.03
CA MET B 193 13.66 -19.44 -14.07
C MET B 193 13.40 -20.14 -12.74
N GLY B 194 12.29 -20.87 -12.68
CA GLY B 194 11.95 -21.59 -11.47
C GLY B 194 11.26 -20.80 -10.39
N VAL B 195 10.83 -19.58 -10.69
CA VAL B 195 10.13 -18.78 -9.69
C VAL B 195 8.86 -19.53 -9.31
N MET B 196 8.57 -19.61 -8.01
CA MET B 196 7.40 -20.33 -7.53
C MET B 196 6.09 -19.56 -7.55
N ASN B 197 6.13 -18.28 -7.19
CA ASN B 197 4.90 -17.51 -7.07
C ASN B 197 5.01 -16.00 -7.19
N TYR B 198 3.85 -15.35 -7.14
CA TYR B 198 3.72 -13.90 -7.20
C TYR B 198 3.07 -13.45 -5.89
N GLU B 199 3.61 -12.39 -5.30
CA GLU B 199 3.04 -11.82 -4.09
C GLU B 199 3.36 -10.33 -4.20
N MET B 200 3.05 -9.53 -3.18
CA MET B 200 3.30 -8.09 -3.30
C MET B 200 4.02 -7.35 -2.16
N GLU B 201 4.64 -8.07 -1.23
CA GLU B 201 5.35 -7.38 -0.14
C GLU B 201 6.73 -7.92 0.20
N SER B 202 7.02 -9.17 -0.16
CA SER B 202 8.32 -9.75 0.19
C SER B 202 9.56 -9.02 -0.31
N ALA B 203 9.53 -8.51 -1.53
CA ALA B 203 10.69 -7.78 -2.06
C ALA B 203 11.03 -6.62 -1.13
N THR B 204 10.03 -5.82 -0.80
CA THR B 204 10.24 -4.68 0.09
C THR B 204 10.64 -5.13 1.50
N LEU B 205 9.90 -6.07 2.06
CA LEU B 205 10.18 -6.56 3.41
C LEU B 205 11.58 -7.13 3.56
N LEU B 206 11.93 -8.10 2.73
CA LEU B 206 13.24 -8.73 2.79
C LEU B 206 14.40 -7.78 2.53
N THR B 207 14.25 -6.90 1.54
CA THR B 207 15.34 -5.98 1.23
C THR B 207 15.61 -4.99 2.36
N MET B 208 14.57 -4.30 2.82
CA MET B 208 14.74 -3.31 3.87
C MET B 208 15.23 -3.94 5.17
N CYS B 209 14.84 -5.19 5.43
CA CYS B 209 15.29 -5.85 6.66
C CYS B 209 16.73 -6.33 6.52
N ALA B 210 17.02 -7.02 5.42
CA ALA B 210 18.37 -7.54 5.16
C ALA B 210 19.45 -6.46 5.10
N SER B 211 19.07 -5.26 4.69
CA SER B 211 20.03 -4.16 4.57
C SER B 211 20.06 -3.23 5.78
N GLN B 212 19.28 -3.55 6.82
CA GLN B 212 19.24 -2.73 8.03
C GLN B 212 19.41 -3.53 9.32
N GLY B 213 20.01 -4.71 9.22
CA GLY B 213 20.23 -5.53 10.41
C GLY B 213 18.99 -6.10 11.08
N LEU B 214 17.90 -6.24 10.33
CA LEU B 214 16.67 -6.79 10.88
C LEU B 214 16.45 -8.17 10.24
N ARG B 215 15.92 -9.11 11.02
CA ARG B 215 15.68 -10.45 10.50
C ARG B 215 14.26 -10.57 9.95
N ALA B 216 14.14 -11.17 8.78
CA ALA B 216 12.82 -11.35 8.17
C ALA B 216 12.62 -12.71 7.51
N GLY B 217 11.40 -13.23 7.65
CA GLY B 217 11.04 -14.50 7.06
C GLY B 217 9.78 -14.28 6.22
N MET B 218 9.51 -15.17 5.28
CA MET B 218 8.34 -15.01 4.42
C MET B 218 7.67 -16.34 4.06
N VAL B 219 6.39 -16.46 4.38
CA VAL B 219 5.63 -17.66 4.08
C VAL B 219 4.25 -17.26 3.60
N ALA B 220 3.70 -18.03 2.65
CA ALA B 220 2.38 -17.74 2.13
C ALA B 220 1.67 -19.01 1.67
N GLY B 221 0.34 -18.97 1.74
CA GLY B 221 -0.47 -20.10 1.31
C GLY B 221 -0.97 -19.86 -0.10
N VAL B 222 -0.93 -20.90 -0.92
CA VAL B 222 -1.38 -20.80 -2.32
C VAL B 222 -2.89 -20.82 -2.44
N ILE B 223 -3.48 -19.73 -2.94
CA ILE B 223 -4.92 -19.67 -3.10
C ILE B 223 -5.33 -19.76 -4.57
N VAL B 224 -4.33 -19.87 -5.44
CA VAL B 224 -4.58 -19.97 -6.88
C VAL B 224 -3.30 -20.38 -7.58
N ASN B 225 -3.44 -21.09 -8.70
CA ASN B 225 -2.29 -21.49 -9.50
C ASN B 225 -2.52 -20.98 -10.92
N ARG B 226 -1.74 -19.98 -11.31
CA ARG B 226 -1.88 -19.38 -12.63
C ARG B 226 -1.75 -20.36 -13.80
N THR B 227 -1.14 -21.52 -13.57
CA THR B 227 -0.96 -22.51 -14.64
C THR B 227 -2.05 -23.60 -14.64
N GLN B 228 -2.94 -23.56 -13.64
CA GLN B 228 -4.00 -24.56 -13.55
C GLN B 228 -5.39 -23.95 -13.56
N GLN B 229 -6.22 -24.35 -14.52
CA GLN B 229 -7.59 -23.88 -14.67
C GLN B 229 -8.29 -23.68 -13.32
N GLU B 230 -8.79 -24.78 -12.74
CA GLU B 230 -9.46 -24.76 -11.44
C GLU B 230 -10.29 -23.53 -11.05
N ILE B 231 -11.45 -23.78 -10.45
CA ILE B 231 -12.31 -22.70 -10.00
C ILE B 231 -12.15 -22.49 -8.49
N PRO B 232 -11.79 -21.27 -8.08
CA PRO B 232 -11.56 -20.85 -6.69
C PRO B 232 -12.56 -21.38 -5.67
N ASN B 233 -12.05 -21.80 -4.51
CA ASN B 233 -12.88 -22.33 -3.45
C ASN B 233 -12.58 -21.61 -2.13
N ALA B 234 -13.56 -20.89 -1.61
CA ALA B 234 -13.41 -20.15 -0.37
C ALA B 234 -13.06 -21.06 0.82
N GLU B 235 -13.67 -22.23 0.84
CA GLU B 235 -13.42 -23.20 1.92
C GLU B 235 -11.95 -23.55 2.05
N THR B 236 -11.37 -24.08 0.98
CA THR B 236 -9.95 -24.47 0.98
C THR B 236 -9.06 -23.24 1.07
N MET B 237 -9.58 -22.10 0.62
CA MET B 237 -8.83 -20.85 0.64
C MET B 237 -8.66 -20.39 2.09
N LYS B 238 -9.72 -20.54 2.89
CA LYS B 238 -9.69 -20.16 4.29
C LYS B 238 -8.94 -21.23 5.09
N GLN B 239 -9.05 -22.47 4.64
CA GLN B 239 -8.36 -23.58 5.30
C GLN B 239 -6.86 -23.43 5.08
N THR B 240 -6.50 -22.90 3.91
CA THR B 240 -5.10 -22.68 3.58
C THR B 240 -4.54 -21.56 4.43
N GLU B 241 -5.31 -20.49 4.58
CA GLU B 241 -4.88 -19.36 5.40
C GLU B 241 -4.64 -19.85 6.82
N SER B 242 -5.51 -20.76 7.28
CA SER B 242 -5.42 -21.33 8.62
C SER B 242 -4.08 -22.02 8.86
N HIS B 243 -3.73 -22.96 7.98
CA HIS B 243 -2.46 -23.67 8.13
C HIS B 243 -1.26 -22.76 8.07
N ALA B 244 -1.30 -21.77 7.17
CA ALA B 244 -0.19 -20.83 7.04
C ALA B 244 -0.02 -20.02 8.32
N VAL B 245 -1.13 -19.57 8.91
CA VAL B 245 -1.10 -18.79 10.14
C VAL B 245 -0.46 -19.61 11.26
N LYS B 246 -0.86 -20.86 11.38
CA LYS B 246 -0.31 -21.76 12.39
C LYS B 246 1.20 -21.92 12.18
N ILE B 247 1.61 -22.11 10.93
CA ILE B 247 3.02 -22.29 10.60
C ILE B 247 3.86 -21.05 10.94
N VAL B 248 3.35 -19.86 10.67
CA VAL B 248 4.10 -18.64 10.98
C VAL B 248 4.22 -18.47 12.49
N VAL B 249 3.19 -18.86 13.22
CA VAL B 249 3.19 -18.74 14.67
C VAL B 249 4.20 -19.74 15.25
N GLU B 250 4.16 -20.97 14.76
CA GLU B 250 5.07 -22.00 15.22
C GLU B 250 6.51 -21.61 14.90
N ALA B 251 6.70 -20.92 13.79
CA ALA B 251 8.04 -20.49 13.39
C ALA B 251 8.53 -19.43 14.38
N ALA B 252 7.62 -18.54 14.77
CA ALA B 252 7.93 -17.47 15.71
C ALA B 252 8.43 -18.05 17.03
N ARG B 253 7.84 -19.15 17.45
CA ARG B 253 8.23 -19.81 18.71
C ARG B 253 9.71 -20.16 18.69
N ARG B 254 10.19 -20.63 17.55
CA ARG B 254 11.58 -21.04 17.39
C ARG B 254 12.53 -19.85 17.23
N LEU B 255 11.96 -18.66 17.10
CA LEU B 255 12.78 -17.46 16.92
C LEU B 255 12.80 -16.57 18.17
N LEU B 256 12.08 -16.97 19.20
CA LEU B 256 12.02 -16.21 20.45
C LEU B 256 13.36 -16.22 21.19
#